data_2P40
#
_entry.id   2P40
#
_cell.length_a   114.725
_cell.length_b   114.725
_cell.length_c   56.426
_cell.angle_alpha   90.00
_cell.angle_beta   90.00
_cell.angle_gamma   120.00
#
_symmetry.space_group_name_H-M   'P 31 2 1'
#
loop_
_entity.id
_entity.type
_entity.pdbx_description
1 polymer 'type II methyltransferase'
2 non-polymer 'SULFATE ION'
3 non-polymer "7-METHYL-GUANOSINE-5'-TRIPHOSPHATE-5'-GUANOSINE"
4 water water
#
_entity_poly.entity_id   1
_entity_poly.type   'polypeptide(L)'
_entity_poly.pdbx_seq_one_letter_code
;MRGSHHHHHHGSNIGETLGEKWKSRLNALGKSEFQIYKKSGIQEVDRTLAKEGIKRGETDHHAVSRGSAKLRWFVERNLV
TPEGKVVDLGCGRGGWSYYCGGLKNVREVKGLTKGGPGHEEPIPMSTYGWNLVRLQSGVDVFFIPPERCDTLLCDIGESS
PNPTVEAGRTLRVLNLVENWLSNNTQFCVKVLNPYMSSVIEKMEALQRKHGGALVRNPLSRNSTHEMYWVSNASGNIVSS
VNMISRMLINRFTMRHKKATYEPDVDLGSGTRNIGIESETPNLDIIGKRIEKIKQEHETSWHYDQ
;
_entity_poly.pdbx_strand_id   A
#
# COMPACT_ATOMS: atom_id res chain seq x y z
N GLU A 16 -17.65 -21.11 -6.71
CA GLU A 16 -16.85 -20.03 -6.07
C GLU A 16 -15.59 -19.69 -6.90
N THR A 17 -14.90 -18.63 -6.49
CA THR A 17 -13.58 -18.34 -7.04
C THR A 17 -12.54 -19.10 -6.23
N LEU A 18 -11.40 -19.33 -6.86
CA LEU A 18 -10.22 -19.86 -6.19
C LEU A 18 -9.85 -19.02 -4.98
N GLY A 19 -10.06 -17.70 -5.10
CA GLY A 19 -9.76 -16.80 -3.99
C GLY A 19 -10.60 -17.09 -2.77
N GLU A 20 -11.90 -17.29 -2.98
CA GLU A 20 -12.82 -17.58 -1.87
C GLU A 20 -12.45 -18.89 -1.23
N LYS A 21 -12.02 -19.82 -2.06
CA LYS A 21 -11.57 -21.13 -1.61
C LYS A 21 -10.32 -20.99 -0.73
N TRP A 22 -9.37 -20.15 -1.16
CA TRP A 22 -8.19 -19.83 -0.38
C TRP A 22 -8.57 -19.20 0.97
N LYS A 23 -9.54 -18.28 0.94
CA LYS A 23 -9.94 -17.55 2.13
C LYS A 23 -10.53 -18.47 3.21
N SER A 24 -11.35 -19.44 2.81
CA SER A 24 -11.95 -20.36 3.79
C SER A 24 -10.93 -21.38 4.30
N ARG A 25 -10.02 -21.77 3.44
CA ARG A 25 -8.94 -22.65 3.89
C ARG A 25 -8.07 -21.94 4.92
N LEU A 26 -7.69 -20.70 4.61
CA LEU A 26 -6.93 -19.84 5.52
C LEU A 26 -7.65 -19.69 6.87
N ASN A 27 -8.94 -19.35 6.80
CA ASN A 27 -9.78 -19.20 8.00
C ASN A 27 -9.95 -20.46 8.85
N ALA A 28 -9.60 -21.63 8.28
CA ALA A 28 -9.74 -22.90 9.00
C ALA A 28 -8.47 -23.30 9.74
N LEU A 29 -7.34 -22.71 9.36
CA LEU A 29 -6.05 -23.04 9.94
C LEU A 29 -6.00 -22.89 11.46
N GLY A 30 -5.24 -23.77 12.11
CA GLY A 30 -4.93 -23.64 13.54
C GLY A 30 -4.17 -22.36 13.80
N LYS A 31 -4.14 -21.93 15.06
CA LYS A 31 -3.55 -20.63 15.41
C LYS A 31 -2.07 -20.58 15.10
N SER A 32 -1.35 -21.65 15.45
CA SER A 32 0.08 -21.70 15.26
C SER A 32 0.42 -21.91 13.78
N GLU A 33 -0.40 -22.71 13.09
CA GLU A 33 -0.19 -22.96 11.66
C GLU A 33 -0.39 -21.67 10.86
N PHE A 34 -1.44 -20.92 11.19
CA PHE A 34 -1.68 -19.61 10.55
C PHE A 34 -0.46 -18.71 10.63
N GLN A 35 0.09 -18.54 11.84
CA GLN A 35 1.32 -17.77 12.03
C GLN A 35 2.45 -18.16 11.10
N ILE A 36 2.65 -19.47 10.89
CA ILE A 36 3.71 -19.96 10.01
C ILE A 36 3.39 -19.66 8.53
N TYR A 37 2.13 -19.83 8.14
CA TYR A 37 1.73 -19.58 6.75
C TYR A 37 1.88 -18.12 6.36
N LYS A 38 1.51 -17.23 7.29
CA LYS A 38 1.54 -15.79 7.08
C LYS A 38 2.87 -15.28 6.53
N LYS A 39 3.99 -15.81 7.04
CA LYS A 39 5.31 -15.33 6.67
C LYS A 39 6.14 -16.26 5.80
N SER A 40 5.59 -17.41 5.43
CA SER A 40 6.31 -18.38 4.60
C SER A 40 6.69 -17.93 3.19
N GLY A 41 7.98 -17.81 2.94
CA GLY A 41 8.48 -17.51 1.60
C GLY A 41 8.28 -16.08 1.13
N ILE A 42 7.93 -15.17 2.04
CA ILE A 42 7.65 -13.79 1.65
C ILE A 42 8.92 -12.92 1.79
N GLN A 43 8.80 -11.64 1.45
CA GLN A 43 9.85 -10.70 1.79
C GLN A 43 9.45 -9.91 3.03
N GLU A 44 10.44 -9.63 3.89
CA GLU A 44 10.24 -8.78 5.05
C GLU A 44 11.25 -7.67 5.03
N VAL A 45 10.91 -6.56 5.67
CA VAL A 45 11.83 -5.44 5.87
C VAL A 45 12.46 -5.60 7.24
N ASP A 46 13.78 -5.42 7.30
CA ASP A 46 14.48 -5.44 8.57
C ASP A 46 14.21 -4.11 9.28
N ARG A 47 13.48 -4.15 10.40
CA ARG A 47 12.96 -2.91 11.00
C ARG A 47 13.30 -2.59 12.47
N THR A 48 14.01 -3.50 13.12
CA THR A 48 14.43 -3.32 14.50
C THR A 48 15.08 -1.96 14.80
N LEU A 49 16.13 -1.60 14.05
CA LEU A 49 16.89 -0.41 14.43
C LEU A 49 16.13 0.85 14.08
N ALA A 50 15.35 0.79 13.01
CA ALA A 50 14.54 1.94 12.64
C ALA A 50 13.42 2.18 13.62
N LYS A 51 12.90 1.12 14.24
CA LYS A 51 11.78 1.25 15.17
C LYS A 51 12.28 1.69 16.55
N GLU A 52 13.47 1.21 16.93
CA GLU A 52 14.10 1.62 18.17
C GLU A 52 14.43 3.10 18.15
N GLY A 53 14.91 3.57 17.00
CA GLY A 53 15.20 4.98 16.76
C GLY A 53 13.99 5.87 16.91
N ILE A 54 12.89 5.48 16.27
CA ILE A 54 11.64 6.23 16.37
C ILE A 54 11.14 6.26 17.81
N LYS A 55 11.06 5.10 18.44
CA LYS A 55 10.66 5.05 19.83
C LYS A 55 11.57 5.98 20.68
N ARG A 56 12.76 6.27 20.16
CA ARG A 56 13.77 7.01 20.90
C ARG A 56 13.58 8.50 20.70
N GLY A 57 12.72 8.87 19.76
CA GLY A 57 12.45 10.27 19.48
C GLY A 57 13.11 10.78 18.20
N GLU A 58 14.06 10.01 17.67
CA GLU A 58 14.78 10.38 16.44
C GLU A 58 13.83 10.59 15.27
N THR A 59 14.14 11.56 14.43
CA THR A 59 13.24 11.93 13.33
C THR A 59 13.97 11.98 11.99
N ASP A 60 15.20 11.47 11.98
CA ASP A 60 16.04 11.67 10.81
C ASP A 60 16.01 10.65 9.69
N HIS A 61 16.51 9.43 9.89
CA HIS A 61 16.63 8.59 8.68
C HIS A 61 15.49 7.59 8.45
N HIS A 62 14.71 7.38 9.50
CA HIS A 62 13.85 6.24 9.64
C HIS A 62 12.55 6.38 8.87
N ALA A 63 12.11 5.31 8.23
CA ALA A 63 10.70 5.21 7.80
C ALA A 63 9.83 5.07 9.05
N VAL A 64 8.63 5.63 9.01
CA VAL A 64 7.78 5.61 10.19
C VAL A 64 7.01 4.31 10.31
N SER A 65 7.00 3.54 9.23
CA SER A 65 6.36 2.22 9.23
C SER A 65 7.03 1.37 8.16
N ARG A 66 6.67 0.08 8.08
CA ARG A 66 7.15 -0.78 7.00
CA ARG A 66 7.17 -0.76 6.99
C ARG A 66 6.51 -0.40 5.67
N GLY A 67 5.64 0.61 5.70
CA GLY A 67 4.95 1.08 4.49
C GLY A 67 5.84 1.77 3.46
N SER A 68 6.89 2.45 3.92
CA SER A 68 7.80 3.14 3.04
C SER A 68 8.51 2.16 2.12
N ALA A 69 9.07 1.10 2.71
CA ALA A 69 9.71 0.05 1.93
C ALA A 69 8.71 -0.60 0.96
N LYS A 70 7.48 -0.80 1.42
CA LYS A 70 6.44 -1.31 0.57
C LYS A 70 6.25 -0.45 -0.67
N LEU A 71 6.10 0.85 -0.48
CA LEU A 71 5.95 1.73 -1.64
C LEU A 71 7.21 1.76 -2.52
N ARG A 72 8.39 1.75 -1.88
CA ARG A 72 9.67 1.67 -2.59
C ARG A 72 9.68 0.56 -3.65
N TRP A 73 9.13 -0.60 -3.29
CA TRP A 73 9.12 -1.72 -4.20
C TRP A 73 8.50 -1.36 -5.52
N PHE A 74 7.37 -0.65 -5.48
CA PHE A 74 6.66 -0.23 -6.70
C PHE A 74 7.40 0.82 -7.48
N VAL A 75 8.01 1.77 -6.75
CA VAL A 75 8.63 2.95 -7.37
C VAL A 75 9.93 2.59 -8.07
N GLU A 76 10.77 1.79 -7.41
CA GLU A 76 12.01 1.23 -8.00
C GLU A 76 11.79 0.51 -9.33
N ARG A 77 10.59 -0.04 -9.51
CA ARG A 77 10.26 -0.81 -10.70
C ARG A 77 9.48 0.01 -11.71
N ASN A 78 9.27 1.29 -11.44
CA ASN A 78 8.53 2.19 -12.32
C ASN A 78 7.08 1.77 -12.54
N LEU A 79 6.49 1.10 -11.55
CA LEU A 79 5.08 0.73 -11.65
C LEU A 79 4.21 1.94 -11.32
N VAL A 80 4.72 2.80 -10.43
CA VAL A 80 4.25 4.17 -10.27
C VAL A 80 5.46 5.09 -10.27
N THR A 81 5.29 6.28 -10.84
CA THR A 81 6.33 7.30 -10.80
C THR A 81 5.76 8.59 -10.21
N PRO A 82 5.85 8.72 -8.87
CA PRO A 82 5.26 9.87 -8.18
C PRO A 82 5.91 11.16 -8.64
N GLU A 83 5.07 12.12 -9.01
CA GLU A 83 5.53 13.35 -9.63
C GLU A 83 4.56 14.49 -9.27
N GLY A 84 5.06 15.72 -9.25
CA GLY A 84 4.23 16.89 -8.99
C GLY A 84 3.49 16.87 -7.66
N LYS A 85 2.19 17.11 -7.71
CA LYS A 85 1.36 17.12 -6.51
C LYS A 85 0.86 15.71 -6.22
N VAL A 86 1.36 15.13 -5.12
CA VAL A 86 0.98 13.79 -4.68
C VAL A 86 -0.02 13.88 -3.54
N VAL A 87 -1.18 13.26 -3.75
CA VAL A 87 -2.16 13.08 -2.69
C VAL A 87 -2.06 11.64 -2.12
N ASP A 88 -1.82 11.54 -0.82
CA ASP A 88 -1.76 10.23 -0.14
C ASP A 88 -3.03 10.07 0.67
N LEU A 89 -4.00 9.39 0.07
CA LEU A 89 -5.31 9.16 0.69
C LEU A 89 -5.31 8.05 1.75
N GLY A 90 -5.47 8.42 3.01
CA GLY A 90 -5.47 7.45 4.10
C GLY A 90 -4.05 7.06 4.37
N CYS A 91 -3.35 7.89 5.13
CA CYS A 91 -1.87 7.89 5.17
C CYS A 91 -1.26 7.57 6.55
N GLY A 92 -2.11 7.45 7.55
CA GLY A 92 -1.69 7.01 8.88
C GLY A 92 -0.47 7.74 9.39
N ARG A 93 0.57 6.97 9.68
CA ARG A 93 1.81 7.52 10.22
C ARG A 93 2.57 8.34 9.19
N GLY A 94 2.39 8.03 7.90
CA GLY A 94 2.97 8.81 6.80
C GLY A 94 4.02 8.12 5.93
N GLY A 95 4.18 6.81 6.12
CA GLY A 95 5.17 5.98 5.39
C GLY A 95 5.27 6.22 3.89
N TRP A 96 4.13 6.25 3.22
CA TRP A 96 4.09 6.54 1.78
C TRP A 96 4.38 8.02 1.47
N SER A 97 3.93 8.91 2.35
CA SER A 97 4.11 10.34 2.15
C SER A 97 5.56 10.83 2.25
N TYR A 98 6.23 10.46 3.34
CA TYR A 98 7.62 10.83 3.54
C TYR A 98 8.49 10.23 2.45
N TYR A 99 8.22 8.99 2.08
CA TYR A 99 8.94 8.38 0.99
C TYR A 99 8.78 9.24 -0.28
N CYS A 100 7.59 9.75 -0.52
CA CYS A 100 7.37 10.55 -1.71
C CYS A 100 8.06 11.92 -1.64
N GLY A 101 8.27 12.41 -0.42
CA GLY A 101 8.85 13.74 -0.23
C GLY A 101 10.33 13.83 -0.57
N GLY A 102 10.97 12.68 -0.69
CA GLY A 102 12.40 12.63 -1.01
C GLY A 102 12.68 12.32 -2.47
N LEU A 103 11.64 12.26 -3.29
CA LEU A 103 11.76 11.86 -4.69
C LEU A 103 11.99 13.04 -5.61
N LYS A 104 12.91 12.85 -6.57
CA LYS A 104 13.22 13.86 -7.59
C LYS A 104 12.02 14.65 -8.09
N ASN A 105 11.09 14.02 -8.79
CA ASN A 105 10.05 14.78 -9.50
C ASN A 105 8.88 15.29 -8.66
N VAL A 106 8.91 15.03 -7.35
CA VAL A 106 7.82 15.40 -6.46
C VAL A 106 7.92 16.87 -6.00
N ARG A 107 6.89 17.66 -6.33
CA ARG A 107 6.79 19.06 -5.87
C ARG A 107 6.07 19.20 -4.53
N GLU A 108 5.05 18.37 -4.31
CA GLU A 108 4.22 18.52 -3.14
C GLU A 108 3.56 17.21 -2.72
N VAL A 109 3.46 16.97 -1.41
CA VAL A 109 2.80 15.76 -0.90
C VAL A 109 1.76 16.10 0.17
N LYS A 110 0.50 15.83 -0.16
CA LYS A 110 -0.59 15.98 0.79
C LYS A 110 -1.17 14.62 1.21
N GLY A 111 -0.91 14.27 2.47
CA GLY A 111 -1.44 13.06 3.07
C GLY A 111 -2.57 13.34 4.04
N LEU A 112 -3.74 12.80 3.71
CA LEU A 112 -4.96 12.96 4.50
C LEU A 112 -5.31 11.67 5.24
N THR A 113 -5.60 11.77 6.53
CA THR A 113 -5.89 10.57 7.32
C THR A 113 -6.90 10.81 8.44
N LYS A 114 -7.59 9.75 8.84
CA LYS A 114 -8.61 9.85 9.88
C LYS A 114 -7.98 9.94 11.26
N GLY A 115 -7.35 8.84 11.69
CA GLY A 115 -6.34 8.91 12.73
C GLY A 115 -6.77 9.77 13.90
N GLY A 116 -7.20 9.11 14.98
CA GLY A 116 -7.28 9.75 16.27
C GLY A 116 -7.06 8.77 17.41
N PRO A 117 -8.12 8.07 17.80
CA PRO A 117 -8.01 6.95 18.73
C PRO A 117 -8.43 5.63 18.11
N GLY A 118 -7.64 4.59 18.32
CA GLY A 118 -7.81 3.34 17.59
C GLY A 118 -7.32 3.44 16.15
N HIS A 119 -6.68 4.55 15.83
CA HIS A 119 -6.15 4.77 14.49
C HIS A 119 -4.76 5.45 14.56
N GLU A 120 -3.95 5.25 13.52
CA GLU A 120 -2.56 5.76 13.49
C GLU A 120 -2.49 7.27 13.26
N GLU A 121 -1.91 7.99 14.22
CA GLU A 121 -1.70 9.43 14.11
C GLU A 121 -0.41 9.72 13.31
N PRO A 122 -0.47 10.67 12.36
CA PRO A 122 0.70 11.16 11.65
C PRO A 122 1.85 11.44 12.59
N ILE A 123 2.99 10.82 12.31
CA ILE A 123 4.22 11.10 13.05
C ILE A 123 4.94 12.20 12.29
N PRO A 124 5.28 13.32 12.97
CA PRO A 124 6.14 14.34 12.31
C PRO A 124 7.59 13.85 12.21
N MET A 125 8.20 14.05 11.05
CA MET A 125 9.57 13.61 10.82
C MET A 125 10.39 14.67 10.11
N SER A 126 11.70 14.59 10.25
CA SER A 126 12.62 15.48 9.55
C SER A 126 13.44 14.72 8.52
N THR A 127 12.81 13.73 7.89
CA THR A 127 13.43 13.01 6.78
C THR A 127 13.53 13.94 5.57
N TYR A 128 14.31 13.55 4.58
CA TYR A 128 14.59 14.39 3.44
C TYR A 128 13.35 14.76 2.65
N GLY A 129 13.06 16.06 2.58
CA GLY A 129 11.93 16.55 1.81
C GLY A 129 10.70 16.67 2.69
N TRP A 130 10.89 16.53 4.01
CA TRP A 130 9.79 16.67 4.95
C TRP A 130 9.00 17.96 4.75
N ASN A 131 9.68 18.98 4.26
CA ASN A 131 9.12 20.31 4.07
C ASN A 131 8.14 20.40 2.88
N LEU A 132 8.14 19.39 2.02
CA LEU A 132 7.15 19.28 0.95
C LEU A 132 5.92 18.53 1.46
N VAL A 133 5.99 18.02 2.68
CA VAL A 133 5.00 17.08 3.19
C VAL A 133 4.01 17.67 4.19
N ARG A 134 2.76 17.79 3.79
CA ARG A 134 1.70 18.23 4.68
C ARG A 134 0.79 17.06 5.03
N LEU A 135 0.73 16.74 6.31
CA LEU A 135 -0.03 15.62 6.82
C LEU A 135 -1.17 16.08 7.72
N GLN A 136 -2.41 15.80 7.33
CA GLN A 136 -3.57 16.18 8.16
C GLN A 136 -4.31 14.96 8.74
N SER A 137 -4.49 14.94 10.06
CA SER A 137 -5.38 13.96 10.68
C SER A 137 -6.83 14.48 10.79
N GLY A 138 -7.68 13.71 11.47
CA GLY A 138 -9.09 14.08 11.65
C GLY A 138 -9.91 14.24 10.37
N VAL A 139 -9.40 13.70 9.26
CA VAL A 139 -10.08 13.85 7.98
C VAL A 139 -10.59 12.50 7.52
N ASP A 140 -11.84 12.44 7.07
CA ASP A 140 -12.35 11.24 6.47
C ASP A 140 -12.45 11.36 4.96
N VAL A 141 -11.50 10.73 4.28
CA VAL A 141 -11.29 10.87 2.84
C VAL A 141 -12.51 10.47 2.01
N PHE A 142 -13.33 9.59 2.59
CA PHE A 142 -14.52 9.10 1.90
C PHE A 142 -15.57 10.18 1.72
N PHE A 143 -15.58 11.18 2.61
CA PHE A 143 -16.56 12.27 2.46
CA PHE A 143 -16.55 12.27 2.50
C PHE A 143 -15.94 13.68 2.45
N ILE A 144 -14.93 13.86 1.60
CA ILE A 144 -14.33 15.17 1.34
C ILE A 144 -14.31 15.32 -0.19
N PRO A 145 -14.27 16.55 -0.73
CA PRO A 145 -14.28 16.60 -2.20
C PRO A 145 -12.89 16.43 -2.82
N PRO A 146 -12.80 15.75 -3.97
CA PRO A 146 -11.52 15.59 -4.67
C PRO A 146 -10.81 16.89 -5.08
N GLU A 147 -9.66 17.14 -4.47
CA GLU A 147 -8.66 18.07 -4.99
C GLU A 147 -8.05 17.47 -6.27
N ARG A 148 -7.47 18.31 -7.13
CA ARG A 148 -6.75 17.83 -8.33
C ARG A 148 -5.34 17.38 -7.93
N CYS A 149 -4.75 16.45 -8.68
CA CYS A 149 -3.39 15.97 -8.38
C CYS A 149 -2.72 15.23 -9.55
N ASP A 150 -1.40 15.05 -9.43
CA ASP A 150 -0.60 14.33 -10.43
C ASP A 150 -0.34 12.88 -10.05
N THR A 151 -0.19 12.63 -8.75
CA THR A 151 -0.05 11.29 -8.25
C THR A 151 -1.13 11.04 -7.22
N LEU A 152 -1.79 9.88 -7.33
CA LEU A 152 -2.79 9.46 -6.35
C LEU A 152 -2.44 8.12 -5.69
N LEU A 153 -2.41 8.13 -4.36
CA LEU A 153 -1.99 6.98 -3.59
C LEU A 153 -2.99 6.65 -2.52
N CYS A 154 -3.29 5.37 -2.38
CA CYS A 154 -4.25 4.93 -1.39
C CYS A 154 -3.91 3.50 -0.95
N ASP A 155 -3.56 3.32 0.32
CA ASP A 155 -3.26 1.98 0.85
C ASP A 155 -4.33 1.52 1.83
N ILE A 156 -5.52 2.13 1.72
CA ILE A 156 -6.65 1.83 2.61
C ILE A 156 -7.21 0.43 2.36
N GLY A 157 -7.55 -0.27 3.43
CA GLY A 157 -8.32 -1.52 3.34
C GLY A 157 -8.11 -2.43 4.53
N GLU A 158 -9.05 -2.41 5.46
CA GLU A 158 -8.95 -3.26 6.66
C GLU A 158 -9.50 -4.62 6.35
N SER A 159 -8.69 -5.65 6.54
CA SER A 159 -9.05 -6.97 6.09
C SER A 159 -10.06 -7.59 7.04
N SER A 160 -10.81 -8.58 6.56
CA SER A 160 -11.86 -9.21 7.35
C SER A 160 -11.95 -10.69 7.00
N PRO A 161 -12.22 -11.57 8.00
CA PRO A 161 -12.42 -13.01 7.72
C PRO A 161 -13.61 -13.22 6.79
N ASN A 162 -14.59 -12.32 6.85
CA ASN A 162 -15.68 -12.36 5.91
C ASN A 162 -15.28 -11.64 4.63
N PRO A 163 -15.10 -12.39 3.54
CA PRO A 163 -14.73 -11.82 2.24
C PRO A 163 -15.78 -10.92 1.57
N THR A 164 -17.05 -11.04 1.96
CA THR A 164 -18.07 -10.14 1.38
C THR A 164 -17.96 -8.76 2.01
N VAL A 165 -17.60 -8.72 3.29
CA VAL A 165 -17.22 -7.49 3.97
C VAL A 165 -16.00 -6.86 3.29
N GLU A 166 -14.95 -7.65 3.08
CA GLU A 166 -13.76 -7.19 2.38
C GLU A 166 -14.12 -6.59 1.02
N ALA A 167 -14.97 -7.29 0.29
CA ALA A 167 -15.25 -6.93 -1.11
C ALA A 167 -15.86 -5.53 -1.21
N GLY A 168 -16.68 -5.18 -0.22
CA GLY A 168 -17.33 -3.88 -0.21
C GLY A 168 -16.39 -2.76 0.19
N ARG A 169 -15.65 -2.97 1.27
CA ARG A 169 -14.52 -2.09 1.62
C ARG A 169 -13.62 -1.77 0.44
N THR A 170 -13.31 -2.79 -0.36
CA THR A 170 -12.51 -2.63 -1.56
C THR A 170 -13.26 -1.79 -2.59
N LEU A 171 -14.56 -2.05 -2.72
CA LEU A 171 -15.38 -1.33 -3.68
C LEU A 171 -15.51 0.15 -3.31
N ARG A 172 -15.83 0.40 -2.05
CA ARG A 172 -15.70 1.74 -1.48
C ARG A 172 -14.42 2.41 -1.95
N VAL A 173 -13.28 1.82 -1.63
CA VAL A 173 -11.99 2.41 -1.93
C VAL A 173 -11.81 2.65 -3.43
N LEU A 174 -12.29 1.71 -4.23
CA LEU A 174 -12.20 1.82 -5.68
C LEU A 174 -13.11 2.91 -6.21
N ASN A 175 -14.20 3.17 -5.51
CA ASN A 175 -15.08 4.28 -5.84
C ASN A 175 -14.49 5.63 -5.42
N LEU A 176 -13.91 5.68 -4.23
CA LEU A 176 -13.16 6.84 -3.79
C LEU A 176 -12.10 7.27 -4.81
N VAL A 177 -11.11 6.43 -5.06
CA VAL A 177 -10.03 6.80 -5.97
C VAL A 177 -10.52 7.12 -7.39
N GLU A 178 -11.68 6.61 -7.78
CA GLU A 178 -12.22 6.89 -9.13
C GLU A 178 -12.51 8.38 -9.28
N ASN A 179 -13.14 8.94 -8.25
CA ASN A 179 -13.44 10.36 -8.15
C ASN A 179 -12.23 11.29 -8.17
N TRP A 180 -11.06 10.75 -7.82
CA TRP A 180 -9.86 11.57 -7.74
C TRP A 180 -8.99 11.44 -8.98
N LEU A 181 -9.36 10.56 -9.90
CA LEU A 181 -8.48 10.31 -11.04
C LEU A 181 -8.87 11.11 -12.27
N SER A 182 -7.97 11.97 -12.74
CA SER A 182 -8.14 12.62 -14.04
C SER A 182 -7.35 11.85 -15.09
N ASN A 183 -7.29 12.41 -16.30
CA ASN A 183 -6.77 11.74 -17.50
C ASN A 183 -5.40 11.06 -17.35
N ASN A 184 -4.46 11.73 -16.68
CA ASN A 184 -3.05 11.33 -16.68
C ASN A 184 -2.40 11.12 -15.32
N THR A 185 -3.24 10.90 -14.31
CA THR A 185 -2.74 10.74 -12.95
C THR A 185 -1.93 9.44 -12.84
N GLN A 186 -0.82 9.52 -12.15
CA GLN A 186 -0.06 8.34 -11.77
C GLN A 186 -0.65 7.84 -10.47
N PHE A 187 -0.82 6.54 -10.35
CA PHE A 187 -1.53 5.99 -9.18
C PHE A 187 -1.06 4.62 -8.71
N CYS A 188 -1.18 4.43 -7.40
CA CYS A 188 -0.90 3.17 -6.75
C CYS A 188 -1.96 3.02 -5.68
N VAL A 189 -2.90 2.11 -5.91
CA VAL A 189 -4.07 1.96 -5.07
C VAL A 189 -4.24 0.51 -4.63
N LYS A 190 -4.26 0.29 -3.32
CA LYS A 190 -4.44 -1.05 -2.77
C LYS A 190 -5.82 -1.63 -3.10
N VAL A 191 -5.84 -2.84 -3.63
CA VAL A 191 -7.08 -3.56 -3.86
C VAL A 191 -7.20 -4.73 -2.83
N LEU A 192 -7.65 -4.40 -1.61
CA LEU A 192 -7.75 -5.33 -0.48
C LEU A 192 -8.08 -6.77 -0.90
N ASN A 193 -9.30 -6.94 -1.40
CA ASN A 193 -9.78 -8.20 -1.85
C ASN A 193 -10.12 -8.08 -3.32
N PRO A 194 -9.24 -8.56 -4.17
CA PRO A 194 -9.49 -8.50 -5.60
C PRO A 194 -10.17 -9.74 -6.18
N TYR A 195 -10.39 -10.78 -5.39
CA TYR A 195 -10.91 -12.03 -5.97
C TYR A 195 -12.44 -12.14 -6.07
N MET A 196 -13.15 -11.40 -5.22
CA MET A 196 -14.61 -11.35 -5.30
C MET A 196 -15.05 -10.72 -6.60
N SER A 197 -16.10 -11.28 -7.17
CA SER A 197 -16.55 -10.94 -8.53
C SER A 197 -17.00 -9.49 -8.70
N SER A 198 -17.71 -8.95 -7.71
CA SER A 198 -18.14 -7.56 -7.75
C SER A 198 -16.93 -6.61 -7.86
N VAL A 199 -15.85 -6.95 -7.16
CA VAL A 199 -14.59 -6.23 -7.26
C VAL A 199 -13.94 -6.45 -8.62
N ILE A 200 -13.83 -7.71 -9.05
CA ILE A 200 -13.23 -8.01 -10.35
C ILE A 200 -13.87 -7.13 -11.41
N GLU A 201 -15.20 -7.07 -11.37
CA GLU A 201 -16.00 -6.33 -12.34
C GLU A 201 -15.65 -4.83 -12.33
N LYS A 202 -15.70 -4.23 -11.13
CA LYS A 202 -15.30 -2.85 -10.94
C LYS A 202 -13.92 -2.57 -11.51
N MET A 203 -12.98 -3.49 -11.24
CA MET A 203 -11.62 -3.37 -11.73
C MET A 203 -11.53 -3.35 -13.25
N GLU A 204 -12.32 -4.21 -13.90
CA GLU A 204 -12.39 -4.22 -15.37
C GLU A 204 -12.87 -2.88 -15.93
N ALA A 205 -13.95 -2.35 -15.35
CA ALA A 205 -14.44 -1.01 -15.69
C ALA A 205 -13.33 0.04 -15.56
N LEU A 206 -12.77 0.16 -14.35
CA LEU A 206 -11.64 1.06 -14.05
C LEU A 206 -10.44 0.92 -15.01
N GLN A 207 -10.01 -0.31 -15.27
CA GLN A 207 -8.89 -0.54 -16.20
C GLN A 207 -9.22 -0.05 -17.62
N ARG A 208 -10.46 -0.28 -18.07
CA ARG A 208 -10.88 0.25 -19.37
C ARG A 208 -10.83 1.78 -19.36
N LYS A 209 -11.26 2.38 -18.24
CA LYS A 209 -11.25 3.84 -18.05
C LYS A 209 -9.84 4.43 -17.91
N HIS A 210 -9.06 3.92 -16.95
CA HIS A 210 -7.80 4.57 -16.54
C HIS A 210 -6.48 3.81 -16.81
N GLY A 211 -6.59 2.60 -17.35
CA GLY A 211 -5.38 1.80 -17.65
C GLY A 211 -4.79 1.11 -16.44
N GLY A 212 -3.50 0.80 -16.51
CA GLY A 212 -2.82 0.13 -15.42
C GLY A 212 -3.25 -1.31 -15.25
N ALA A 213 -2.77 -1.95 -14.18
CA ALA A 213 -3.03 -3.37 -13.91
C ALA A 213 -2.83 -3.69 -12.43
N LEU A 214 -3.15 -4.92 -12.03
CA LEU A 214 -2.96 -5.33 -10.66
C LEU A 214 -1.66 -6.09 -10.56
N VAL A 215 -0.90 -5.81 -9.51
CA VAL A 215 0.42 -6.40 -9.32
C VAL A 215 0.50 -6.82 -7.86
N ARG A 216 1.29 -7.85 -7.57
CA ARG A 216 1.43 -8.38 -6.22
C ARG A 216 2.77 -7.98 -5.70
N ASN A 217 2.78 -7.47 -4.47
CA ASN A 217 4.01 -6.97 -3.86
C ASN A 217 4.57 -8.06 -2.97
N PRO A 218 5.83 -8.49 -3.23
CA PRO A 218 6.42 -9.58 -2.44
C PRO A 218 6.42 -9.34 -0.94
N LEU A 219 6.26 -8.09 -0.51
CA LEU A 219 6.27 -7.74 0.92
C LEU A 219 4.94 -7.98 1.61
N SER A 220 3.90 -8.23 0.81
CA SER A 220 2.57 -8.57 1.35
C SER A 220 2.65 -9.94 2.00
N ARG A 221 1.88 -10.16 3.04
CA ARG A 221 1.91 -11.43 3.75
C ARG A 221 0.94 -12.42 3.09
N ASN A 222 1.23 -13.71 3.25
CA ASN A 222 0.40 -14.78 2.65
C ASN A 222 -1.02 -14.76 3.21
N SER A 223 -1.23 -14.01 4.29
CA SER A 223 -2.54 -13.95 4.93
C SER A 223 -3.47 -12.91 4.30
N THR A 224 -3.01 -12.24 3.24
CA THR A 224 -3.86 -11.32 2.49
C THR A 224 -3.70 -11.50 1.00
N HIS A 225 -4.80 -11.29 0.29
CA HIS A 225 -4.81 -11.46 -1.16
C HIS A 225 -4.67 -10.10 -1.84
N GLU A 226 -4.25 -9.08 -1.10
CA GLU A 226 -4.19 -7.72 -1.62
C GLU A 226 -3.30 -7.64 -2.84
N MET A 227 -3.74 -6.85 -3.80
CA MET A 227 -2.95 -6.56 -4.99
C MET A 227 -3.05 -5.07 -5.21
N TYR A 228 -2.13 -4.51 -5.98
CA TYR A 228 -2.10 -3.06 -6.17
C TYR A 228 -2.39 -2.68 -7.61
N TRP A 229 -3.41 -1.84 -7.77
CA TRP A 229 -3.68 -1.22 -9.06
C TRP A 229 -2.65 -0.09 -9.22
N VAL A 230 -1.72 -0.30 -10.13
CA VAL A 230 -0.64 0.63 -10.37
C VAL A 230 -0.74 1.07 -11.81
N SER A 231 -0.40 2.33 -12.08
CA SER A 231 -0.68 2.90 -13.39
C SER A 231 0.21 2.37 -14.52
N ASN A 232 1.46 2.02 -14.23
CA ASN A 232 2.40 1.67 -15.30
C ASN A 232 2.63 0.17 -15.52
N ALA A 233 1.54 -0.59 -15.61
CA ALA A 233 1.64 -2.01 -15.96
C ALA A 233 0.38 -2.39 -16.69
N SER A 234 0.42 -3.55 -17.33
CA SER A 234 -0.77 -4.09 -17.96
C SER A 234 -0.84 -5.60 -17.81
N GLY A 235 -2.05 -6.13 -17.93
CA GLY A 235 -2.30 -7.54 -17.87
C GLY A 235 -3.77 -7.71 -17.61
N ASN A 236 -4.32 -8.82 -18.10
CA ASN A 236 -5.70 -9.17 -17.85
C ASN A 236 -5.94 -9.29 -16.33
N ILE A 237 -7.00 -8.61 -15.87
CA ILE A 237 -7.36 -8.59 -14.45
C ILE A 237 -7.62 -9.95 -13.84
N VAL A 238 -8.48 -10.73 -14.50
CA VAL A 238 -8.84 -12.07 -14.05
C VAL A 238 -7.60 -12.96 -13.94
N SER A 239 -6.80 -13.02 -15.00
CA SER A 239 -5.59 -13.84 -15.03
C SER A 239 -4.63 -13.46 -13.94
N SER A 240 -4.49 -12.15 -13.70
CA SER A 240 -3.53 -11.68 -12.69
C SER A 240 -3.95 -12.04 -11.26
N VAL A 241 -5.25 -12.01 -11.00
CA VAL A 241 -5.80 -12.43 -9.70
C VAL A 241 -5.66 -13.94 -9.46
N ASN A 242 -6.11 -14.76 -10.42
CA ASN A 242 -6.00 -16.22 -10.32
C ASN A 242 -4.58 -16.67 -10.12
N MET A 243 -3.66 -15.97 -10.78
CA MET A 243 -2.25 -16.22 -10.63
C MET A 243 -1.85 -16.14 -9.16
N ILE A 244 -2.35 -15.11 -8.49
CA ILE A 244 -1.98 -14.88 -7.11
C ILE A 244 -2.75 -15.81 -6.20
N SER A 245 -4.02 -16.06 -6.53
CA SER A 245 -4.80 -17.10 -5.88
C SER A 245 -4.06 -18.46 -5.88
N ARG A 246 -3.51 -18.86 -7.02
CA ARG A 246 -2.81 -20.14 -7.10
C ARG A 246 -1.57 -20.12 -6.21
N MET A 247 -0.84 -19.00 -6.26
CA MET A 247 0.42 -18.88 -5.51
C MET A 247 0.17 -19.06 -4.04
N LEU A 248 -0.81 -18.32 -3.52
CA LEU A 248 -1.12 -18.40 -2.11
C LEU A 248 -1.56 -19.80 -1.71
N ILE A 249 -2.36 -20.44 -2.56
CA ILE A 249 -2.74 -21.82 -2.34
C ILE A 249 -1.54 -22.77 -2.33
N ASN A 250 -0.60 -22.56 -3.26
CA ASN A 250 0.63 -23.36 -3.27
C ASN A 250 1.35 -23.23 -1.93
N ARG A 251 1.43 -22.01 -1.41
CA ARG A 251 2.21 -21.76 -0.20
C ARG A 251 1.66 -22.43 1.07
N PHE A 252 0.43 -22.92 1.01
CA PHE A 252 -0.12 -23.72 2.11
C PHE A 252 0.75 -24.91 2.46
N THR A 253 1.30 -25.56 1.45
CA THR A 253 2.12 -26.73 1.63
C THR A 253 3.54 -26.37 1.24
N MET A 254 4.22 -25.63 2.11
CA MET A 254 5.55 -25.14 1.77
C MET A 254 6.64 -25.55 2.73
N ARG A 255 7.83 -25.74 2.16
CA ARG A 255 8.97 -26.31 2.84
C ARG A 255 9.79 -25.27 3.61
N HIS A 256 10.94 -24.90 3.05
CA HIS A 256 11.88 -23.91 3.63
C HIS A 256 11.22 -22.54 3.92
N LYS A 257 10.67 -22.42 5.13
CA LYS A 257 9.65 -21.41 5.44
C LYS A 257 10.11 -19.97 5.73
N LYS A 258 11.36 -19.75 6.12
CA LYS A 258 11.81 -18.42 6.52
C LYS A 258 11.59 -17.34 5.46
N ALA A 259 11.11 -16.18 5.90
CA ALA A 259 11.02 -14.98 5.06
C ALA A 259 12.40 -14.47 4.69
N THR A 260 12.52 -13.82 3.54
CA THR A 260 13.77 -13.19 3.14
C THR A 260 13.73 -11.73 3.54
N TYR A 261 14.78 -11.29 4.23
CA TYR A 261 14.85 -9.89 4.69
C TYR A 261 15.50 -8.91 3.73
N GLU A 262 15.21 -7.64 3.96
CA GLU A 262 15.60 -6.55 3.12
C GLU A 262 15.97 -5.45 4.10
N PRO A 263 17.07 -4.73 3.87
CA PRO A 263 17.31 -3.53 4.67
C PRO A 263 16.20 -2.52 4.51
N ASP A 264 15.99 -1.71 5.56
CA ASP A 264 14.98 -0.68 5.52
C ASP A 264 15.39 0.46 4.57
N VAL A 265 14.43 1.27 4.15
CA VAL A 265 14.73 2.48 3.41
C VAL A 265 15.48 3.44 4.32
N ASP A 266 16.44 4.14 3.74
CA ASP A 266 17.08 5.26 4.40
C ASP A 266 16.52 6.51 3.71
N LEU A 267 15.56 7.15 4.37
CA LEU A 267 15.05 8.44 3.91
C LEU A 267 16.07 9.42 4.47
N GLY A 268 16.42 10.47 3.74
CA GLY A 268 17.59 11.24 4.15
C GLY A 268 17.38 12.03 5.43
N SER A 269 17.66 13.32 5.36
CA SER A 269 17.24 14.26 6.39
C SER A 269 17.22 15.64 5.80
N GLY A 270 16.45 16.51 6.43
CA GLY A 270 16.45 17.93 6.11
C GLY A 270 15.72 18.34 4.86
N THR A 271 15.91 19.61 4.52
CA THR A 271 15.12 20.30 3.51
C THR A 271 15.60 20.02 2.11
N ARG A 272 14.77 20.37 1.12
CA ARG A 272 14.86 19.86 -0.25
C ARG A 272 16.23 19.66 -0.97
N ASN A 273 17.10 20.67 -1.05
CA ASN A 273 18.29 20.47 -1.90
C ASN A 273 19.64 20.69 -1.22
N ILE A 274 19.72 20.51 0.11
CA ILE A 274 20.81 21.15 0.86
C ILE A 274 21.44 20.53 2.16
N GLY A 275 20.85 19.54 2.84
CA GLY A 275 19.88 18.59 2.32
C GLY A 275 20.62 17.31 1.96
N ILE A 276 20.67 16.36 2.90
CA ILE A 276 21.18 14.99 2.60
C ILE A 276 20.07 14.06 2.09
N GLU A 277 20.22 13.61 0.85
CA GLU A 277 19.23 12.85 0.11
C GLU A 277 19.00 11.44 0.64
N SER A 278 18.07 10.75 -0.02
CA SER A 278 17.77 9.34 0.25
C SER A 278 18.29 8.47 -0.90
#